data_3FOL
#
_entry.id   3FOL
#
_cell.length_a   117.393
_cell.length_b   66.630
_cell.length_c   56.211
_cell.angle_alpha   90.000
_cell.angle_beta   93.660
_cell.angle_gamma   90.000
#
_symmetry.space_group_name_H-M   'C 1 2 1'
#
loop_
_entity.id
_entity.type
_entity.pdbx_description
1 polymer MHC
2 polymer Beta-2-microglobulin
3 polymer '8 residue synthetic peptide'
4 water water
#
loop_
_entity_poly.entity_id
_entity_poly.type
_entity_poly.pdbx_seq_one_letter_code
_entity_poly.pdbx_strand_id
1 'polypeptide(L)'
;GSHSLRYFVTAVSRPGHGKPRYMEVGYVDDTEFVRFDSDAENPRYEPRTPWMEQVEPEYWEGQTQIAKGNEQSSRVDLRT
ALRYYNQSAGGSHTIQRMRGCEVGSDGRLLRGYQQVAYDGRDYIALNEDLKTWTAADMAALITKHKWEQAGAAERDRAYL
EGACVEWLRRYLELGNATLLRTDSPKAHVTHHSRPKDKVTLRCWALGFYPADITLTWQLNGEELTQDMELVETRPAGDGT
FQKWASVVVPLGKEQNYTCHVYHEGLPEPLTLRW
;
A
2 'polypeptide(L)'
;MIQKTPQIQVYSRHPPENGKPNILNCYVTQFHPPHIEIQMLKNGKKIPKVEMSDMSFSKDWSFYILAHTEFTPTETDTYA
CRVKHDSMAEPKTVYWDRDM
;
B
3 'polypeptide(L)' VNDIFERI P
#
# COMPACT_ATOMS: atom_id res chain seq x y z
N GLY A 1 -13.02 17.14 0.33
CA GLY A 1 -12.04 16.14 0.87
C GLY A 1 -10.77 16.82 1.38
N SER A 2 -10.25 16.30 2.48
CA SER A 2 -8.95 16.70 2.97
C SER A 2 -7.87 16.00 2.17
N HIS A 3 -6.62 16.45 2.32
CA HIS A 3 -5.53 15.84 1.54
C HIS A 3 -4.35 15.54 2.43
N SER A 4 -3.46 14.70 1.94
CA SER A 4 -2.35 14.33 2.77
C SER A 4 -1.03 14.39 1.99
N LEU A 5 0.06 14.65 2.71
CA LEU A 5 1.42 14.37 2.22
C LEU A 5 2.05 13.44 3.26
N ARG A 6 2.49 12.26 2.83
CA ARG A 6 3.00 11.25 3.74
C ARG A 6 4.29 10.74 3.19
N TYR A 7 5.27 10.52 4.05
CA TYR A 7 6.46 9.76 3.67
C TYR A 7 6.48 8.37 4.37
N PHE A 8 6.89 7.32 3.65
CA PHE A 8 6.91 5.98 4.24
C PHE A 8 8.31 5.52 4.00
N VAL A 9 8.98 5.07 5.05
CA VAL A 9 10.42 4.87 4.93
C VAL A 9 10.80 3.51 5.48
N THR A 10 11.73 2.85 4.84
CA THR A 10 12.04 1.51 5.28
C THR A 10 13.54 1.26 5.31
N ALA A 11 14.02 0.67 6.40
CA ALA A 11 15.43 0.22 6.49
C ALA A 11 15.51 -1.27 6.77
N VAL A 12 16.24 -2.01 5.95
CA VAL A 12 16.27 -3.46 6.12
C VAL A 12 17.68 -3.92 6.17
N SER A 13 18.09 -4.37 7.35
CA SER A 13 19.40 -4.98 7.51
C SER A 13 19.44 -6.32 6.78
N ARG A 14 20.37 -6.46 5.84
CA ARG A 14 20.54 -7.74 5.15
C ARG A 14 21.46 -8.61 5.98
N PRO A 15 21.20 -9.92 5.98
CA PRO A 15 21.98 -10.84 6.82
C PRO A 15 23.51 -10.62 6.80
N GLY A 16 24.23 -11.53 6.16
CA GLY A 16 25.70 -11.54 6.18
C GLY A 16 26.34 -10.45 5.34
N HIS A 17 26.28 -10.62 4.02
CA HIS A 17 26.72 -9.58 3.08
C HIS A 17 25.56 -8.69 2.62
N GLY A 18 25.90 -7.53 2.06
CA GLY A 18 24.97 -6.43 1.89
C GLY A 18 25.22 -5.45 3.03
N LYS A 19 24.76 -4.23 2.88
CA LYS A 19 24.62 -3.33 4.04
C LYS A 19 23.14 -3.01 4.06
N PRO A 20 22.67 -2.26 5.06
CA PRO A 20 21.23 -2.04 5.05
C PRO A 20 20.78 -1.39 3.74
N ARG A 21 19.65 -1.85 3.21
CA ARG A 21 19.00 -1.10 2.19
C ARG A 21 18.16 -0.05 2.84
N TYR A 22 17.88 0.99 2.08
CA TYR A 22 17.04 2.09 2.55
C TYR A 22 16.17 2.62 1.43
N MET A 23 14.92 2.89 1.75
CA MET A 23 13.89 3.22 0.80
C MET A 23 13.02 4.29 1.50
N GLU A 24 12.74 5.32 0.73
CA GLU A 24 12.00 6.46 1.17
C GLU A 24 10.99 6.69 0.04
N VAL A 25 9.70 6.58 0.34
CA VAL A 25 8.60 6.80 -0.64
C VAL A 25 7.62 7.83 -0.12
N GLY A 26 7.32 8.88 -0.89
CA GLY A 26 6.31 9.88 -0.47
C GLY A 26 5.07 9.92 -1.35
N TYR A 27 3.90 10.20 -0.75
CA TYR A 27 2.58 10.11 -1.40
C TYR A 27 1.71 11.34 -1.16
N VAL A 28 1.25 11.97 -2.23
CA VAL A 28 0.18 12.96 -2.07
C VAL A 28 -1.16 12.26 -2.29
N ASP A 29 -2.08 12.39 -1.33
CA ASP A 29 -3.35 11.61 -1.31
C ASP A 29 -3.16 10.13 -1.71
N ASP A 30 -2.13 9.46 -1.22
CA ASP A 30 -2.02 8.04 -1.51
C ASP A 30 -1.60 7.67 -2.94
N THR A 31 -1.22 8.69 -3.72
CA THR A 31 -0.54 8.48 -4.98
C THR A 31 0.95 8.73 -4.77
N GLU A 32 1.79 7.75 -5.12
CA GLU A 32 3.26 7.93 -5.07
C GLU A 32 3.76 9.04 -6.02
N PHE A 33 4.66 9.92 -5.57
CA PHE A 33 5.15 10.96 -6.45
C PHE A 33 6.67 11.18 -6.33
N VAL A 34 7.30 10.68 -5.26
CA VAL A 34 8.77 10.73 -5.14
C VAL A 34 9.31 9.47 -4.47
N ARG A 35 10.40 8.92 -5.00
CA ARG A 35 10.99 7.73 -4.40
C ARG A 35 12.49 7.92 -4.25
N PHE A 36 13.06 7.34 -3.20
CA PHE A 36 14.51 7.24 -3.02
C PHE A 36 14.86 5.78 -2.67
N ASP A 37 15.90 5.25 -3.27
CA ASP A 37 16.15 3.80 -3.16
C ASP A 37 17.63 3.53 -3.06
N SER A 38 18.04 3.00 -1.92
CA SER A 38 19.44 2.82 -1.66
C SER A 38 20.23 2.00 -2.69
N ASP A 39 19.62 0.99 -3.31
CA ASP A 39 20.40 0.18 -4.25
C ASP A 39 20.37 0.81 -5.65
N ALA A 40 21.43 1.54 -6.02
CA ALA A 40 21.41 2.18 -7.35
C ALA A 40 22.75 2.69 -7.93
N GLU A 41 23.72 3.01 -7.08
CA GLU A 41 24.97 3.61 -7.57
C GLU A 41 24.74 5.07 -7.86
N ASN A 42 23.55 5.35 -8.40
CA ASN A 42 23.14 6.71 -8.66
C ASN A 42 22.03 7.12 -7.70
N PRO A 43 22.19 6.78 -6.39
CA PRO A 43 21.10 6.89 -5.40
C PRO A 43 20.64 8.33 -5.25
N ARG A 44 19.42 8.60 -5.68
CA ARG A 44 18.93 9.96 -5.82
C ARG A 44 17.44 9.90 -5.66
N TYR A 45 16.86 10.97 -5.13
CA TYR A 45 15.42 11.05 -5.09
C TYR A 45 15.01 11.27 -6.53
N GLU A 46 13.77 10.96 -6.87
CA GLU A 46 13.35 10.95 -8.25
C GLU A 46 11.88 11.21 -8.34
N PRO A 47 11.43 11.80 -9.46
CA PRO A 47 10.00 11.93 -9.69
C PRO A 47 9.32 10.59 -9.99
N ARG A 48 8.06 10.48 -9.58
CA ARG A 48 7.28 9.27 -9.73
C ARG A 48 5.96 9.47 -10.43
N THR A 49 5.60 10.72 -10.68
CA THR A 49 4.50 11.06 -11.60
C THR A 49 4.97 12.14 -12.56
N PRO A 50 4.25 12.31 -13.68
CA PRO A 50 4.67 13.31 -14.69
C PRO A 50 4.74 14.73 -14.15
N TRP A 51 3.87 15.08 -13.20
CA TRP A 51 3.83 16.46 -12.72
C TRP A 51 4.97 16.85 -11.75
N MET A 52 5.69 15.88 -11.19
CA MET A 52 6.87 16.20 -10.37
C MET A 52 8.10 16.44 -11.23
N GLU A 53 8.07 16.01 -12.48
CA GLU A 53 9.21 16.25 -13.37
C GLU A 53 9.37 17.73 -13.69
N GLN A 54 8.37 18.54 -13.34
CA GLN A 54 8.35 19.97 -13.69
C GLN A 54 9.09 20.84 -12.68
N VAL A 55 9.82 20.20 -11.77
CA VAL A 55 10.30 20.82 -10.56
C VAL A 55 11.76 21.23 -10.63
N GLU A 56 12.00 22.51 -10.37
CA GLU A 56 13.29 23.09 -10.06
C GLU A 56 14.40 22.09 -9.65
N PRO A 57 15.42 21.93 -10.50
CA PRO A 57 16.61 21.07 -10.38
C PRO A 57 17.14 20.85 -8.96
N GLU A 58 17.09 21.91 -8.16
CA GLU A 58 17.67 21.86 -6.83
C GLU A 58 16.68 21.37 -5.79
N TYR A 59 15.43 21.19 -6.20
CA TYR A 59 14.52 20.48 -5.33
C TYR A 59 15.17 19.16 -4.93
N TRP A 60 15.62 18.42 -5.94
CA TRP A 60 16.14 17.07 -5.79
C TRP A 60 17.43 17.10 -5.01
N GLU A 61 18.29 18.04 -5.36
CA GLU A 61 19.54 18.15 -4.63
C GLU A 61 19.24 18.13 -3.15
N GLY A 62 18.31 18.99 -2.73
CA GLY A 62 17.89 19.14 -1.35
C GLY A 62 17.37 17.85 -0.74
N GLN A 63 16.36 17.28 -1.37
CA GLN A 63 15.70 16.02 -0.92
C GLN A 63 16.68 14.85 -0.87
N THR A 64 17.52 14.74 -1.90
CA THR A 64 18.49 13.67 -1.94
C THR A 64 19.40 13.76 -0.74
N GLN A 65 19.68 14.98 -0.34
CA GLN A 65 20.65 15.21 0.69
C GLN A 65 20.12 14.62 1.94
N ILE A 66 18.89 15.03 2.25
CA ILE A 66 18.18 14.58 3.45
C ILE A 66 18.07 13.08 3.50
N ALA A 67 17.84 12.45 2.35
CA ALA A 67 17.75 11.00 2.25
C ALA A 67 19.04 10.29 2.68
N LYS A 68 20.18 10.77 2.19
CA LYS A 68 21.46 10.20 2.63
C LYS A 68 21.66 10.36 4.13
N GLY A 69 21.33 11.53 4.66
CA GLY A 69 21.34 11.74 6.10
C GLY A 69 20.55 10.61 6.69
N ASN A 70 19.26 10.58 6.39
CA ASN A 70 18.39 9.55 6.96
C ASN A 70 18.81 8.12 6.76
N GLU A 71 19.30 7.81 5.56
CA GLU A 71 19.89 6.55 5.27
C GLU A 71 20.94 6.17 6.35
N GLN A 72 21.95 7.01 6.50
CA GLN A 72 22.97 6.85 7.50
C GLN A 72 22.44 6.66 8.92
N SER A 73 21.44 7.42 9.31
CA SER A 73 20.86 7.22 10.64
C SER A 73 20.21 5.87 10.78
N SER A 74 19.68 5.36 9.67
CA SER A 74 18.97 4.06 9.67
C SER A 74 19.90 2.97 10.00
N ARG A 75 21.06 2.97 9.35
CA ARG A 75 22.08 2.00 9.61
CA ARG A 75 22.02 1.95 9.63
C ARG A 75 22.26 1.95 11.12
N VAL A 76 22.46 3.13 11.69
CA VAL A 76 22.72 3.27 13.11
C VAL A 76 21.52 2.87 13.95
N ASP A 77 20.31 3.30 13.55
CA ASP A 77 19.10 2.89 14.27
C ASP A 77 19.00 1.38 14.34
N LEU A 78 19.31 0.68 13.25
CA LEU A 78 19.17 -0.77 13.24
C LEU A 78 20.09 -1.32 14.31
N ARG A 79 21.31 -0.81 14.37
CA ARG A 79 22.29 -1.34 15.33
C ARG A 79 21.86 -1.02 16.75
N THR A 80 21.26 0.15 16.95
CA THR A 80 20.70 0.57 18.22
C THR A 80 19.59 -0.36 18.60
N ALA A 81 18.69 -0.61 17.66
CA ALA A 81 17.54 -1.47 17.93
C ALA A 81 18.03 -2.76 18.49
N LEU A 82 18.99 -3.36 17.79
CA LEU A 82 19.51 -4.66 18.14
C LEU A 82 19.93 -4.71 19.60
N ARG A 83 20.54 -3.63 20.05
CA ARG A 83 21.08 -3.55 21.41
C ARG A 83 19.96 -3.30 22.42
N TYR A 84 18.96 -2.46 22.11
CA TYR A 84 17.80 -2.28 23.00
C TYR A 84 17.12 -3.62 23.28
N TYR A 85 16.88 -4.41 22.25
CA TYR A 85 16.15 -5.66 22.48
C TYR A 85 17.04 -6.86 22.80
N ASN A 86 18.33 -6.64 22.95
CA ASN A 86 19.29 -7.73 23.13
C ASN A 86 19.17 -8.87 22.12
N GLN A 87 18.95 -8.53 20.84
CA GLN A 87 18.68 -9.56 19.82
C GLN A 87 19.91 -10.27 19.32
N SER A 88 19.76 -11.57 19.10
CA SER A 88 20.78 -12.41 18.45
C SER A 88 21.36 -11.60 17.29
N ALA A 89 22.64 -11.80 17.05
CA ALA A 89 23.40 -10.88 16.21
C ALA A 89 23.25 -11.07 14.71
N GLY A 90 22.83 -12.25 14.27
CA GLY A 90 22.90 -12.59 12.84
C GLY A 90 21.75 -12.33 11.87
N GLY A 91 20.64 -11.77 12.33
CA GLY A 91 19.41 -11.81 11.51
C GLY A 91 19.12 -10.62 10.63
N SER A 92 18.03 -10.70 9.89
CA SER A 92 17.59 -9.58 9.09
C SER A 92 16.46 -8.85 9.81
N HIS A 93 16.61 -7.53 10.01
CA HIS A 93 15.59 -6.76 10.74
C HIS A 93 15.17 -5.56 9.96
N THR A 94 14.19 -4.85 10.50
CA THR A 94 13.49 -3.80 9.79
C THR A 94 13.19 -2.60 10.70
N ILE A 95 13.39 -1.37 10.21
CA ILE A 95 12.86 -0.18 10.90
C ILE A 95 12.02 0.52 9.85
N GLN A 96 10.84 0.99 10.22
CA GLN A 96 10.01 1.72 9.27
C GLN A 96 9.50 2.99 9.93
N ARG A 97 9.24 4.02 9.13
CA ARG A 97 8.72 5.22 9.72
C ARG A 97 7.63 5.74 8.86
N MET A 98 6.64 6.41 9.45
CA MET A 98 5.70 7.18 8.64
C MET A 98 5.48 8.58 9.24
N ARG A 99 5.53 9.64 8.43
CA ARG A 99 4.97 10.91 8.89
C ARG A 99 4.41 11.69 7.74
N GLY A 100 3.52 12.62 8.06
CA GLY A 100 2.79 13.37 7.08
C GLY A 100 1.70 14.22 7.73
N CYS A 101 0.86 14.79 6.89
CA CYS A 101 -0.13 15.74 7.30
C CYS A 101 -1.35 15.46 6.50
N GLU A 102 -2.50 15.56 7.14
CA GLU A 102 -3.75 15.67 6.44
C GLU A 102 -4.23 17.07 6.78
N VAL A 103 -4.63 17.81 5.74
CA VAL A 103 -5.14 19.16 5.93
C VAL A 103 -6.46 19.26 5.18
N GLY A 104 -7.41 20.01 5.74
CA GLY A 104 -8.73 20.16 5.12
C GLY A 104 -8.62 20.99 3.85
N SER A 105 -9.74 21.19 3.15
CA SER A 105 -9.70 21.94 1.89
C SER A 105 -9.59 23.44 2.16
N ASP A 106 -9.88 23.86 3.39
CA ASP A 106 -9.68 25.25 3.79
C ASP A 106 -8.18 25.54 4.08
N GLY A 107 -7.38 24.48 4.14
CA GLY A 107 -5.94 24.63 4.13
C GLY A 107 -5.29 24.50 5.48
N ARG A 108 -6.11 24.23 6.50
CA ARG A 108 -5.65 24.09 7.88
C ARG A 108 -5.25 22.66 8.23
N LEU A 109 -4.30 22.50 9.14
CA LEU A 109 -3.85 21.15 9.49
C LEU A 109 -4.99 20.41 10.18
N LEU A 110 -5.18 19.14 9.85
CA LEU A 110 -6.19 18.29 10.48
C LEU A 110 -5.53 17.31 11.44
N ARG A 111 -4.55 16.56 10.94
CA ARG A 111 -3.74 15.68 11.79
C ARG A 111 -2.29 15.60 11.30
N GLY A 112 -1.36 15.68 12.24
CA GLY A 112 0.04 15.54 11.90
C GLY A 112 0.51 14.37 12.73
N TYR A 113 1.52 13.66 12.23
CA TYR A 113 1.85 12.43 12.88
C TYR A 113 3.18 11.86 12.42
N GLN A 114 3.74 10.99 13.25
CA GLN A 114 4.99 10.34 12.97
C GLN A 114 5.23 9.16 13.90
N GLN A 115 5.37 7.99 13.30
CA GLN A 115 5.34 6.74 13.99
C GLN A 115 6.48 5.97 13.43
N VAL A 116 7.02 5.10 14.27
CA VAL A 116 8.13 4.22 13.90
C VAL A 116 7.67 2.85 14.25
N ALA A 117 8.11 1.89 13.46
CA ALA A 117 7.88 0.49 13.78
C ALA A 117 9.21 -0.20 13.63
N TYR A 118 9.41 -1.19 14.50
CA TYR A 118 10.58 -2.06 14.46
C TYR A 118 10.13 -3.50 14.15
N ASP A 119 10.84 -4.18 13.26
CA ASP A 119 10.43 -5.55 12.93
C ASP A 119 8.88 -5.67 12.79
N GLY A 120 8.25 -4.78 12.03
CA GLY A 120 6.81 -4.81 11.73
C GLY A 120 5.81 -4.38 12.83
N ARG A 121 6.31 -3.99 13.99
CA ARG A 121 5.44 -3.72 15.11
C ARG A 121 5.62 -2.27 15.57
N ASP A 122 4.56 -1.70 16.15
CA ASP A 122 4.64 -0.35 16.72
C ASP A 122 5.79 -0.19 17.73
N TYR A 123 6.57 0.85 17.49
CA TYR A 123 7.62 1.26 18.40
C TYR A 123 7.24 2.58 19.11
N ILE A 124 7.19 3.66 18.35
CA ILE A 124 6.93 4.92 18.95
C ILE A 124 6.12 5.76 17.98
N ALA A 125 5.31 6.65 18.56
CA ALA A 125 4.37 7.42 17.79
C ALA A 125 4.20 8.81 18.42
N LEU A 126 4.30 9.87 17.62
CA LEU A 126 4.00 11.20 18.13
C LEU A 126 2.50 11.29 18.38
N ASN A 127 2.09 11.81 19.52
CA ASN A 127 0.66 11.98 19.84
C ASN A 127 -0.02 13.11 19.07
N GLU A 128 -1.34 13.08 18.98
CA GLU A 128 -2.03 14.05 18.15
C GLU A 128 -1.73 15.46 18.65
N ASP A 129 -1.28 15.55 19.90
CA ASP A 129 -1.04 16.84 20.50
C ASP A 129 0.26 17.46 19.98
N LEU A 130 1.08 16.65 19.32
CA LEU A 130 2.26 17.15 18.63
C LEU A 130 3.33 17.59 19.60
N LYS A 131 3.27 17.07 20.83
CA LYS A 131 4.30 17.37 21.81
C LYS A 131 4.61 16.26 22.81
N THR A 132 3.86 15.17 22.79
CA THR A 132 4.18 13.99 23.64
C THR A 132 4.30 12.72 22.80
N TRP A 133 5.13 11.78 23.26
CA TRP A 133 5.33 10.53 22.52
C TRP A 133 4.65 9.37 23.23
N THR A 134 4.26 8.37 22.45
CA THR A 134 3.76 7.10 22.94
C THR A 134 4.69 5.94 22.56
N ALA A 135 5.37 5.38 23.56
CA ALA A 135 6.19 4.18 23.41
C ALA A 135 5.35 2.89 23.41
N ALA A 136 5.57 2.02 22.44
CA ALA A 136 4.82 0.78 22.39
C ALA A 136 5.33 -0.26 23.42
N ASP A 137 6.54 -0.10 23.90
CA ASP A 137 7.12 -1.13 24.74
C ASP A 137 8.31 -0.58 25.52
N MET A 138 8.98 -1.43 26.29
CA MET A 138 10.05 -0.96 27.18
C MET A 138 11.34 -0.44 26.48
N ALA A 139 11.65 -0.95 25.31
CA ALA A 139 12.78 -0.40 24.59
C ALA A 139 12.45 1.01 24.11
N ALA A 140 11.27 1.19 23.52
CA ALA A 140 10.88 2.50 23.03
C ALA A 140 10.88 3.58 24.13
N LEU A 141 10.80 3.17 25.40
CA LEU A 141 10.86 4.16 26.45
C LEU A 141 12.21 4.82 26.46
N ILE A 142 13.24 4.10 26.02
CA ILE A 142 14.59 4.65 26.03
C ILE A 142 14.65 5.79 25.05
N THR A 143 14.01 5.59 23.89
CA THR A 143 13.99 6.56 22.81
C THR A 143 13.14 7.76 23.18
N LYS A 144 12.01 7.46 23.82
CA LYS A 144 11.10 8.49 24.24
C LYS A 144 11.80 9.47 25.15
N HIS A 145 12.50 8.96 26.17
CA HIS A 145 13.31 9.86 27.02
C HIS A 145 14.40 10.60 26.20
N LYS A 146 15.08 9.89 25.29
CA LYS A 146 16.02 10.58 24.38
C LYS A 146 15.36 11.75 23.66
N TRP A 147 14.28 11.45 22.94
CA TRP A 147 13.53 12.44 22.17
C TRP A 147 12.94 13.54 23.04
N GLU A 148 12.58 13.23 24.26
CA GLU A 148 12.06 14.25 25.15
C GLU A 148 13.20 15.18 25.43
N GLN A 149 14.36 14.59 25.68
CA GLN A 149 15.56 15.35 26.03
C GLN A 149 16.09 16.13 24.85
N ALA A 150 15.87 15.64 23.63
CA ALA A 150 16.41 16.30 22.45
C ALA A 150 15.47 17.32 21.79
N GLY A 151 14.32 17.52 22.41
CA GLY A 151 13.35 18.42 21.86
C GLY A 151 13.00 17.96 20.46
N ALA A 152 13.01 16.64 20.21
CA ALA A 152 12.50 16.11 18.91
C ALA A 152 11.09 16.51 18.65
N ALA A 153 10.26 16.46 19.66
CA ALA A 153 8.85 16.74 19.44
C ALA A 153 8.66 18.10 18.80
N GLU A 154 9.35 19.13 19.27
CA GLU A 154 9.17 20.45 18.67
C GLU A 154 9.59 20.56 17.20
N ARG A 155 10.67 19.90 16.84
CA ARG A 155 11.13 19.88 15.45
C ARG A 155 10.11 19.23 14.53
N ASP A 156 9.59 18.07 14.90
CA ASP A 156 8.52 17.49 14.08
C ASP A 156 7.30 18.40 14.04
N ARG A 157 6.87 18.93 15.18
CA ARG A 157 5.69 19.75 15.17
C ARG A 157 5.86 20.94 14.21
N ALA A 158 7.09 21.45 14.12
CA ALA A 158 7.36 22.64 13.33
C ALA A 158 7.28 22.26 11.86
N TYR A 159 7.73 21.06 11.54
CA TYR A 159 7.78 20.63 10.16
C TYR A 159 6.34 20.30 9.68
N LEU A 160 5.62 19.53 10.50
CA LEU A 160 4.24 19.19 10.22
C LEU A 160 3.33 20.39 10.00
N GLU A 161 3.48 21.45 10.80
CA GLU A 161 2.64 22.61 10.65
C GLU A 161 3.26 23.55 9.65
N GLY A 162 4.52 23.29 9.32
CA GLY A 162 5.27 24.21 8.46
C GLY A 162 5.52 23.72 7.05
N ALA A 163 6.70 23.13 6.84
CA ALA A 163 7.12 22.61 5.55
C ALA A 163 6.12 21.65 4.90
N CYS A 164 5.51 20.78 5.69
CA CYS A 164 4.62 19.80 5.07
C CYS A 164 3.34 20.41 4.49
N VAL A 165 2.68 21.26 5.27
CA VAL A 165 1.51 21.95 4.78
C VAL A 165 1.90 22.69 3.50
N GLU A 166 2.83 23.62 3.62
CA GLU A 166 3.31 24.40 2.49
C GLU A 166 3.59 23.53 1.29
N TRP A 167 4.26 22.42 1.48
CA TRP A 167 4.59 21.60 0.33
C TRP A 167 3.41 20.76 -0.19
N LEU A 168 2.65 20.17 0.72
CA LEU A 168 1.40 19.54 0.36
C LEU A 168 0.69 20.47 -0.60
N ARG A 169 0.27 21.63 -0.09
CA ARG A 169 -0.47 22.58 -0.93
C ARG A 169 0.22 22.76 -2.30
N ARG A 170 1.54 22.76 -2.29
CA ARG A 170 2.34 23.06 -3.48
C ARG A 170 2.43 21.90 -4.46
N TYR A 171 2.36 20.68 -3.94
CA TYR A 171 2.30 19.50 -4.81
C TYR A 171 0.92 19.34 -5.47
N LEU A 172 -0.13 19.64 -4.72
CA LEU A 172 -1.48 19.62 -5.25
C LEU A 172 -1.56 20.55 -6.46
N GLU A 173 -1.16 21.79 -6.26
CA GLU A 173 -1.13 22.70 -7.38
C GLU A 173 -0.35 22.11 -8.55
N LEU A 174 0.77 21.45 -8.30
CA LEU A 174 1.56 20.94 -9.41
C LEU A 174 0.81 19.89 -10.24
N GLY A 175 0.44 18.78 -9.60
CA GLY A 175 -0.35 17.72 -10.23
C GLY A 175 -1.81 17.92 -9.90
N ASN A 176 -2.22 19.17 -9.88
CA ASN A 176 -3.59 19.54 -9.54
C ASN A 176 -4.62 18.94 -10.49
N ALA A 177 -4.25 18.87 -11.78
CA ALA A 177 -5.15 18.37 -12.82
C ALA A 177 -5.18 16.83 -12.89
N THR A 178 -4.87 16.16 -11.79
CA THR A 178 -4.87 14.70 -11.77
C THR A 178 -5.26 14.11 -10.44
N LEU A 179 -4.69 14.65 -9.37
CA LEU A 179 -4.96 14.16 -8.01
C LEU A 179 -6.35 14.55 -7.54
N LEU A 180 -6.97 15.49 -8.25
CA LEU A 180 -8.32 15.96 -7.91
C LEU A 180 -9.40 15.29 -8.77
N ARG A 181 -8.98 14.60 -9.83
CA ARG A 181 -9.94 13.90 -10.68
C ARG A 181 -10.71 12.85 -9.90
N THR A 182 -11.71 12.28 -10.55
CA THR A 182 -12.66 11.41 -9.89
C THR A 182 -13.29 10.50 -10.95
N ASP A 183 -12.86 9.23 -10.99
CA ASP A 183 -13.46 8.24 -11.88
C ASP A 183 -14.44 7.39 -11.11
N SER A 184 -15.64 7.23 -11.67
CA SER A 184 -16.71 6.52 -11.03
C SER A 184 -16.67 5.07 -11.44
N PRO A 185 -17.07 4.18 -10.52
CA PRO A 185 -16.93 2.74 -10.71
C PRO A 185 -18.00 2.21 -11.65
N LYS A 186 -17.61 1.30 -12.53
CA LYS A 186 -18.57 0.54 -13.30
C LYS A 186 -18.77 -0.86 -12.67
N ALA A 187 -20.03 -1.09 -12.28
CA ALA A 187 -20.45 -2.27 -11.53
C ALA A 187 -21.23 -3.28 -12.39
N HIS A 188 -21.05 -4.57 -12.11
CA HIS A 188 -21.95 -5.60 -12.60
C HIS A 188 -22.00 -6.72 -11.58
N VAL A 189 -22.94 -7.63 -11.76
CA VAL A 189 -23.10 -8.78 -10.89
C VAL A 189 -22.91 -10.06 -11.70
N THR A 190 -22.15 -11.00 -11.18
CA THR A 190 -21.98 -12.26 -11.91
C THR A 190 -22.66 -13.40 -11.13
N HIS A 191 -22.92 -14.53 -11.78
CA HIS A 191 -23.69 -15.63 -11.19
C HIS A 191 -22.91 -16.93 -11.31
N HIS A 192 -22.95 -17.75 -10.25
CA HIS A 192 -22.22 -19.01 -10.21
C HIS A 192 -22.96 -20.14 -9.47
N SER A 193 -23.21 -21.25 -10.18
CA SER A 193 -23.72 -22.47 -9.56
C SER A 193 -22.91 -22.92 -8.32
N ARG A 194 -23.50 -23.76 -7.49
CA ARG A 194 -22.82 -24.22 -6.27
C ARG A 194 -23.31 -25.58 -5.80
N PRO A 195 -22.40 -26.39 -5.23
CA PRO A 195 -22.91 -27.62 -4.63
C PRO A 195 -24.22 -27.35 -3.89
N LYS A 196 -25.13 -28.33 -3.93
CA LYS A 196 -26.26 -28.39 -3.00
C LYS A 196 -27.45 -27.49 -3.38
N ASP A 197 -27.32 -26.75 -4.46
CA ASP A 197 -28.37 -25.81 -4.81
C ASP A 197 -28.11 -24.48 -4.07
N LYS A 198 -26.85 -24.05 -4.13
CA LYS A 198 -26.43 -22.77 -3.57
C LYS A 198 -25.83 -21.92 -4.70
N VAL A 199 -25.82 -20.60 -4.54
CA VAL A 199 -25.42 -19.73 -5.63
C VAL A 199 -24.59 -18.58 -5.17
N THR A 200 -23.37 -18.45 -5.73
CA THR A 200 -22.56 -17.26 -5.49
C THR A 200 -22.98 -16.08 -6.38
N LEU A 201 -23.46 -15.03 -5.75
CA LEU A 201 -23.63 -13.81 -6.48
C LEU A 201 -22.41 -13.01 -6.13
N ARG A 202 -21.79 -12.39 -7.11
CA ARG A 202 -20.62 -11.59 -6.88
C ARG A 202 -20.81 -10.22 -7.50
N CYS A 203 -20.58 -9.19 -6.71
CA CYS A 203 -20.84 -7.84 -7.14
C CYS A 203 -19.54 -7.10 -7.44
N TRP A 204 -19.34 -6.68 -8.68
CA TRP A 204 -18.06 -6.08 -9.04
C TRP A 204 -18.09 -4.56 -9.15
N ALA A 205 -16.99 -3.94 -8.76
CA ALA A 205 -16.79 -2.52 -8.98
C ALA A 205 -15.45 -2.30 -9.70
N LEU A 206 -15.48 -1.68 -10.89
CA LEU A 206 -14.23 -1.52 -11.65
C LEU A 206 -14.02 -0.11 -12.19
N GLY A 207 -12.75 0.27 -12.34
CA GLY A 207 -12.33 1.53 -12.98
C GLY A 207 -12.44 2.78 -12.11
N PHE A 208 -12.57 2.62 -10.79
CA PHE A 208 -12.82 3.79 -9.94
C PHE A 208 -11.56 4.43 -9.41
N TYR A 209 -11.62 5.75 -9.22
CA TYR A 209 -10.60 6.55 -8.56
C TYR A 209 -11.37 7.68 -7.88
N PRO A 210 -11.04 8.00 -6.62
CA PRO A 210 -9.98 7.35 -5.81
C PRO A 210 -10.42 5.98 -5.21
N ALA A 211 -9.51 5.35 -4.47
CA ALA A 211 -9.67 3.96 -4.02
C ALA A 211 -10.85 3.72 -3.09
N ASP A 212 -11.18 4.70 -2.28
CA ASP A 212 -12.24 4.54 -1.31
C ASP A 212 -13.62 4.16 -1.90
N ILE A 213 -14.20 3.10 -1.37
CA ILE A 213 -15.46 2.65 -1.90
C ILE A 213 -16.10 1.82 -0.83
N THR A 214 -17.38 1.53 -1.02
CA THR A 214 -18.14 0.68 -0.11
C THR A 214 -19.02 -0.19 -0.97
N LEU A 215 -18.81 -1.50 -0.86
CA LEU A 215 -19.67 -2.48 -1.51
C LEU A 215 -20.40 -3.26 -0.44
N THR A 216 -21.71 -3.36 -0.55
CA THR A 216 -22.47 -4.09 0.43
C THR A 216 -23.57 -4.83 -0.27
N TRP A 217 -23.93 -5.98 0.27
CA TRP A 217 -25.02 -6.76 -0.24
C TRP A 217 -26.10 -6.70 0.79
N GLN A 218 -27.30 -6.34 0.36
CA GLN A 218 -28.44 -6.34 1.24
C GLN A 218 -29.38 -7.44 0.82
N LEU A 219 -29.71 -8.32 1.74
CA LEU A 219 -30.92 -9.13 1.61
C LEU A 219 -32.04 -8.19 2.02
N ASN A 220 -32.99 -7.97 1.11
CA ASN A 220 -33.80 -6.76 1.17
C ASN A 220 -33.85 -6.02 2.52
N GLY A 221 -33.51 -6.72 3.59
CA GLY A 221 -33.29 -6.07 4.88
C GLY A 221 -31.92 -5.42 4.92
N GLU A 222 -31.88 -4.11 4.70
CA GLU A 222 -30.64 -3.31 4.72
C GLU A 222 -29.30 -4.00 5.13
N GLU A 223 -29.32 -4.76 6.23
CA GLU A 223 -28.06 -5.24 6.80
C GLU A 223 -27.71 -6.67 6.37
N LEU A 224 -26.48 -6.86 5.89
CA LEU A 224 -26.01 -8.20 5.52
C LEU A 224 -24.48 -8.38 5.55
N THR A 225 -24.02 -9.36 6.33
CA THR A 225 -22.59 -9.73 6.40
C THR A 225 -22.33 -11.24 6.65
N GLN A 226 -23.21 -11.87 7.42
CA GLN A 226 -23.09 -13.28 7.72
C GLN A 226 -22.98 -14.10 6.43
N ASP A 227 -21.73 -14.40 6.04
CA ASP A 227 -21.45 -15.27 4.87
C ASP A 227 -21.20 -14.42 3.62
N MET A 228 -20.43 -13.35 3.82
CA MET A 228 -20.29 -12.31 2.81
C MET A 228 -18.82 -12.03 2.62
N GLU A 229 -18.22 -12.71 1.64
CA GLU A 229 -16.83 -12.51 1.33
C GLU A 229 -16.54 -11.27 0.47
N LEU A 230 -15.59 -10.47 0.87
CA LEU A 230 -15.16 -9.39 -0.01
C LEU A 230 -13.66 -9.18 -0.01
N VAL A 231 -13.07 -8.92 -1.17
CA VAL A 231 -11.62 -8.76 -1.25
C VAL A 231 -11.14 -7.33 -0.98
N GLU A 232 -9.87 -7.23 -0.61
CA GLU A 232 -9.31 -5.92 -0.39
C GLU A 232 -9.24 -5.16 -1.71
N THR A 233 -9.47 -3.86 -1.65
CA THR A 233 -9.41 -3.03 -2.82
C THR A 233 -8.05 -3.17 -3.45
N ARG A 234 -8.04 -3.41 -4.76
CA ARG A 234 -6.84 -3.75 -5.48
C ARG A 234 -6.67 -2.85 -6.73
N PRO A 235 -5.41 -2.54 -7.08
CA PRO A 235 -5.16 -1.66 -8.22
C PRO A 235 -5.23 -2.43 -9.55
N ALA A 236 -5.90 -1.86 -10.53
CA ALA A 236 -6.06 -2.51 -11.84
C ALA A 236 -4.79 -2.22 -12.61
N GLY A 237 -4.04 -1.28 -12.06
CA GLY A 237 -2.75 -0.93 -12.61
C GLY A 237 -2.79 0.02 -13.78
N ASP A 238 -3.79 0.90 -13.82
CA ASP A 238 -3.77 2.01 -14.78
C ASP A 238 -4.12 3.32 -14.10
N GLY A 239 -4.09 3.32 -12.78
CA GLY A 239 -4.52 4.49 -12.02
C GLY A 239 -5.85 4.26 -11.31
N THR A 240 -6.63 3.28 -11.79
CA THR A 240 -7.94 2.96 -11.22
C THR A 240 -7.83 1.75 -10.33
N PHE A 241 -8.93 1.48 -9.62
CA PHE A 241 -9.03 0.40 -8.68
C PHE A 241 -10.18 -0.56 -8.94
N GLN A 242 -10.21 -1.66 -8.21
CA GLN A 242 -11.17 -2.71 -8.38
C GLN A 242 -11.52 -3.23 -7.01
N LYS A 243 -12.71 -3.81 -6.87
CA LYS A 243 -13.04 -4.49 -5.64
C LYS A 243 -14.25 -5.37 -5.95
N TRP A 244 -14.46 -6.46 -5.22
CA TRP A 244 -15.74 -7.14 -5.35
C TRP A 244 -16.26 -7.64 -4.03
N ALA A 245 -17.49 -8.10 -4.02
CA ALA A 245 -18.08 -8.61 -2.82
C ALA A 245 -19.08 -9.66 -3.23
N SER A 246 -18.96 -10.83 -2.63
CA SER A 246 -19.77 -11.99 -2.99
C SER A 246 -20.58 -12.41 -1.80
N VAL A 247 -21.64 -13.15 -2.09
CA VAL A 247 -22.58 -13.57 -1.09
C VAL A 247 -23.16 -14.88 -1.62
N VAL A 248 -23.50 -15.81 -0.74
CA VAL A 248 -24.01 -17.08 -1.22
C VAL A 248 -25.51 -17.20 -0.87
N VAL A 249 -26.32 -17.56 -1.89
CA VAL A 249 -27.78 -17.52 -1.81
C VAL A 249 -28.39 -18.87 -2.13
N PRO A 250 -29.51 -19.21 -1.48
CA PRO A 250 -30.17 -20.46 -1.88
C PRO A 250 -30.60 -20.32 -3.33
N LEU A 251 -30.31 -21.33 -4.14
CA LEU A 251 -30.76 -21.32 -5.52
C LEU A 251 -32.22 -20.88 -5.56
N GLY A 252 -32.57 -20.08 -6.55
CA GLY A 252 -33.95 -19.65 -6.72
C GLY A 252 -34.19 -18.27 -6.15
N LYS A 253 -33.48 -17.94 -5.08
CA LYS A 253 -33.69 -16.67 -4.39
C LYS A 253 -32.73 -15.53 -4.78
N GLU A 254 -32.13 -15.57 -5.98
CA GLU A 254 -31.21 -14.50 -6.37
C GLU A 254 -31.84 -13.12 -6.39
N GLN A 255 -33.11 -13.03 -6.80
CA GLN A 255 -33.66 -11.73 -7.10
C GLN A 255 -33.88 -10.92 -5.83
N ASN A 256 -33.80 -11.58 -4.69
CA ASN A 256 -34.10 -10.94 -3.41
C ASN A 256 -32.93 -10.11 -2.91
N TYR A 257 -31.78 -10.31 -3.55
CA TYR A 257 -30.51 -9.76 -3.10
C TYR A 257 -30.07 -8.60 -3.96
N THR A 258 -29.81 -7.46 -3.33
CA THR A 258 -29.32 -6.33 -4.08
C THR A 258 -27.92 -5.98 -3.65
N CYS A 259 -27.12 -5.55 -4.62
CA CYS A 259 -25.81 -5.03 -4.35
C CYS A 259 -25.86 -3.50 -4.41
N HIS A 260 -25.13 -2.84 -3.52
CA HIS A 260 -25.03 -1.39 -3.43
C HIS A 260 -23.58 -0.89 -3.47
N VAL A 261 -23.34 0.09 -4.32
CA VAL A 261 -21.99 0.63 -4.50
C VAL A 261 -21.88 2.11 -4.14
N TYR A 262 -21.13 2.44 -3.10
CA TYR A 262 -20.99 3.85 -2.72
C TYR A 262 -19.59 4.26 -3.05
N HIS A 263 -19.50 5.36 -3.79
CA HIS A 263 -18.25 5.97 -4.17
C HIS A 263 -18.46 7.46 -4.52
N GLU A 264 -17.47 8.28 -4.20
CA GLU A 264 -17.59 9.73 -4.35
C GLU A 264 -17.62 10.21 -5.81
N GLY A 265 -17.58 9.31 -6.77
CA GLY A 265 -17.50 9.75 -8.15
C GLY A 265 -18.83 9.52 -8.82
N LEU A 266 -19.85 9.40 -7.96
CA LEU A 266 -21.20 9.08 -8.43
C LEU A 266 -22.20 10.16 -8.08
N PRO A 267 -22.84 10.70 -9.11
CA PRO A 267 -24.10 11.41 -8.89
C PRO A 267 -24.86 10.81 -7.69
N GLU A 268 -25.26 9.54 -7.81
CA GLU A 268 -25.98 8.83 -6.74
C GLU A 268 -25.63 7.33 -6.73
N PRO A 269 -25.64 6.70 -5.52
CA PRO A 269 -25.28 5.29 -5.29
C PRO A 269 -25.96 4.29 -6.24
N LEU A 270 -25.19 3.37 -6.80
CA LEU A 270 -25.73 2.31 -7.65
C LEU A 270 -26.39 1.22 -6.80
N THR A 271 -27.43 0.61 -7.35
CA THR A 271 -27.96 -0.62 -6.78
C THR A 271 -27.96 -1.62 -7.92
N LEU A 272 -27.69 -2.89 -7.64
CA LEU A 272 -27.74 -3.89 -8.69
C LEU A 272 -28.50 -5.13 -8.26
N ARG A 273 -29.17 -5.76 -9.21
CA ARG A 273 -29.89 -6.97 -8.92
C ARG A 273 -29.54 -7.97 -10.01
N TRP A 274 -29.37 -9.23 -9.64
CA TRP A 274 -29.29 -10.26 -10.65
C TRP A 274 -30.64 -10.41 -11.31
N MET B 1 10.38 -11.57 16.68
CA MET B 1 10.06 -11.18 15.27
C MET B 1 8.84 -11.95 14.75
N ILE B 2 7.75 -11.24 14.50
CA ILE B 2 6.52 -11.86 13.99
C ILE B 2 6.39 -11.76 12.49
N GLN B 3 6.07 -12.85 11.83
CA GLN B 3 5.91 -12.81 10.38
C GLN B 3 4.44 -12.73 10.02
N LYS B 4 4.15 -12.12 8.87
CA LYS B 4 2.80 -12.03 8.37
C LYS B 4 2.80 -12.65 6.98
N THR B 5 1.87 -13.57 6.74
CA THR B 5 1.77 -14.33 5.50
C THR B 5 1.16 -13.54 4.33
N PRO B 6 1.80 -13.57 3.18
CA PRO B 6 1.29 -12.77 2.07
C PRO B 6 -0.10 -13.23 1.62
N GLN B 7 -0.89 -12.27 1.16
CA GLN B 7 -2.22 -12.48 0.66
C GLN B 7 -2.14 -12.17 -0.84
N ILE B 8 -2.72 -13.05 -1.64
CA ILE B 8 -2.42 -13.03 -3.05
C ILE B 8 -3.69 -12.94 -3.86
N GLN B 9 -3.76 -11.95 -4.72
CA GLN B 9 -4.85 -11.88 -5.67
C GLN B 9 -4.28 -11.82 -7.09
N VAL B 10 -4.70 -12.74 -7.95
CA VAL B 10 -4.31 -12.72 -9.39
C VAL B 10 -5.58 -12.33 -10.14
N TYR B 11 -5.49 -11.37 -11.07
CA TYR B 11 -6.70 -10.76 -11.68
C TYR B 11 -6.30 -9.84 -12.84
N SER B 12 -7.24 -9.56 -13.74
CA SER B 12 -6.90 -8.78 -14.91
C SER B 12 -7.42 -7.37 -14.83
N ARG B 13 -6.79 -6.48 -15.59
CA ARG B 13 -7.18 -5.09 -15.57
C ARG B 13 -8.55 -4.81 -16.19
N HIS B 14 -8.97 -5.66 -17.11
CA HIS B 14 -10.29 -5.50 -17.74
C HIS B 14 -10.99 -6.85 -17.75
N PRO B 15 -12.33 -6.85 -17.85
CA PRO B 15 -13.02 -8.11 -17.70
C PRO B 15 -12.73 -9.06 -18.87
N PRO B 16 -12.16 -10.24 -18.58
CA PRO B 16 -11.58 -11.12 -19.58
C PRO B 16 -12.53 -11.52 -20.73
N GLU B 17 -12.06 -11.43 -21.95
CA GLU B 17 -12.78 -11.98 -23.07
C GLU B 17 -11.81 -12.67 -24.02
N ASN B 18 -11.99 -13.97 -24.17
CA ASN B 18 -11.02 -14.77 -24.87
C ASN B 18 -10.51 -14.10 -26.12
N GLY B 19 -9.23 -14.16 -26.35
CA GLY B 19 -8.66 -13.57 -27.53
C GLY B 19 -8.47 -12.09 -27.46
N LYS B 20 -8.63 -11.52 -26.29
CA LYS B 20 -8.60 -10.08 -26.17
C LYS B 20 -7.43 -9.48 -25.40
N PRO B 21 -6.47 -8.89 -26.09
CA PRO B 21 -5.37 -8.22 -25.39
C PRO B 21 -5.86 -7.59 -24.09
N ASN B 22 -4.99 -7.59 -23.08
CA ASN B 22 -5.41 -7.33 -21.70
C ASN B 22 -4.18 -7.39 -20.82
N ILE B 23 -4.35 -7.10 -19.55
CA ILE B 23 -3.22 -7.11 -18.64
C ILE B 23 -3.46 -7.97 -17.40
N LEU B 24 -2.42 -8.68 -16.97
CA LEU B 24 -2.52 -9.56 -15.80
C LEU B 24 -1.71 -9.05 -14.60
N ASN B 25 -2.38 -8.91 -13.45
CA ASN B 25 -1.78 -8.43 -12.22
C ASN B 25 -1.69 -9.53 -11.21
N CYS B 26 -0.62 -9.54 -10.44
CA CYS B 26 -0.54 -10.41 -9.28
C CYS B 26 -0.19 -9.49 -8.13
N TYR B 27 -1.18 -9.28 -7.25
CA TYR B 27 -1.10 -8.33 -6.16
C TYR B 27 -0.83 -9.11 -4.91
N VAL B 28 0.24 -8.72 -4.22
CA VAL B 28 0.64 -9.41 -3.04
C VAL B 28 0.72 -8.39 -1.96
N THR B 29 0.05 -8.65 -0.83
CA THR B 29 0.00 -7.69 0.23
C THR B 29 0.04 -8.34 1.60
N GLN B 30 0.23 -7.51 2.61
CA GLN B 30 0.04 -7.92 3.97
C GLN B 30 1.14 -8.84 4.42
N PHE B 31 2.35 -8.72 3.89
CA PHE B 31 3.36 -9.62 4.39
C PHE B 31 4.40 -8.88 5.15
N HIS B 32 5.19 -9.63 5.91
CA HIS B 32 6.40 -9.13 6.53
C HIS B 32 7.18 -10.37 6.96
N PRO B 33 8.51 -10.35 6.81
CA PRO B 33 9.39 -9.26 6.41
C PRO B 33 9.28 -8.98 4.94
N PRO B 34 10.02 -7.97 4.44
CA PRO B 34 9.79 -7.54 3.04
C PRO B 34 10.40 -8.41 1.94
N HIS B 35 11.50 -9.10 2.19
CA HIS B 35 12.01 -9.98 1.17
C HIS B 35 10.92 -10.95 0.70
N ILE B 36 10.77 -11.11 -0.61
CA ILE B 36 9.75 -11.99 -1.14
C ILE B 36 10.11 -12.32 -2.58
N GLU B 37 9.62 -13.43 -3.09
CA GLU B 37 9.90 -13.77 -4.48
CA GLU B 37 9.91 -13.79 -4.49
C GLU B 37 8.60 -14.02 -5.22
N ILE B 38 8.42 -13.33 -6.34
CA ILE B 38 7.19 -13.42 -7.06
C ILE B 38 7.37 -13.77 -8.53
N GLN B 39 6.56 -14.66 -9.03
CA GLN B 39 6.68 -14.95 -10.43
C GLN B 39 5.33 -15.21 -10.99
N MET B 40 5.23 -14.93 -12.28
CA MET B 40 4.00 -15.06 -12.95
C MET B 40 4.23 -16.14 -13.96
N LEU B 41 3.24 -17.00 -14.09
CA LEU B 41 3.40 -18.18 -14.89
C LEU B 41 2.31 -18.25 -15.94
N LYS B 42 2.57 -19.03 -16.98
CA LYS B 42 1.66 -19.24 -18.08
C LYS B 42 1.93 -20.65 -18.60
N ASN B 43 1.12 -21.60 -18.15
CA ASN B 43 1.36 -22.98 -18.52
C ASN B 43 2.67 -23.46 -17.87
N GLY B 44 2.91 -23.00 -16.63
CA GLY B 44 4.08 -23.44 -15.86
C GLY B 44 5.41 -23.00 -16.41
N LYS B 45 5.50 -21.73 -16.75
CA LYS B 45 6.73 -21.15 -17.27
C LYS B 45 6.74 -19.65 -16.94
N LYS B 46 7.77 -19.20 -16.24
CA LYS B 46 7.88 -17.79 -15.91
C LYS B 46 7.56 -16.97 -17.15
N ILE B 47 6.64 -16.01 -17.05
CA ILE B 47 6.43 -15.06 -18.13
C ILE B 47 7.53 -14.01 -18.15
N PRO B 48 8.25 -13.91 -19.28
CA PRO B 48 9.55 -13.24 -19.28
C PRO B 48 9.48 -11.78 -18.84
N LYS B 49 8.55 -11.03 -19.42
CA LYS B 49 8.62 -9.58 -19.32
C LYS B 49 7.93 -8.94 -18.08
N VAL B 50 7.84 -9.62 -16.93
CA VAL B 50 6.95 -9.13 -15.83
C VAL B 50 7.43 -7.88 -15.09
N GLU B 51 6.58 -6.85 -15.13
CA GLU B 51 6.87 -5.59 -14.46
C GLU B 51 6.52 -5.70 -12.99
N MET B 52 7.42 -5.25 -12.13
CA MET B 52 7.20 -5.33 -10.70
C MET B 52 7.47 -4.04 -9.93
N SER B 53 6.59 -3.71 -9.01
CA SER B 53 6.77 -2.48 -8.21
C SER B 53 7.89 -2.71 -7.18
N ASP B 54 8.36 -1.61 -6.61
CA ASP B 54 9.44 -1.68 -5.63
C ASP B 54 8.84 -1.76 -4.23
N MET B 55 9.63 -2.34 -3.31
CA MET B 55 9.26 -2.48 -1.90
C MET B 55 8.47 -1.25 -1.45
N SER B 56 7.29 -1.48 -0.86
CA SER B 56 6.47 -0.41 -0.31
C SER B 56 5.60 -0.99 0.77
N PHE B 57 5.05 -0.15 1.64
CA PHE B 57 4.23 -0.76 2.67
C PHE B 57 3.09 0.08 3.08
N SER B 58 2.15 -0.50 3.83
CA SER B 58 0.89 0.17 4.09
C SER B 58 0.81 0.77 5.45
N LYS B 59 -0.30 1.44 5.68
CA LYS B 59 -0.48 2.18 6.92
C LYS B 59 -0.44 1.30 8.17
N ASP B 60 -0.55 -0.02 7.97
CA ASP B 60 -0.51 -1.02 9.05
C ASP B 60 0.86 -1.66 9.11
N TRP B 61 1.77 -1.14 8.31
CA TRP B 61 3.19 -1.51 8.33
C TRP B 61 3.48 -2.64 7.35
N SER B 62 2.44 -3.28 6.87
CA SER B 62 2.63 -4.50 6.08
C SER B 62 3.03 -4.13 4.64
N PHE B 63 3.93 -4.94 4.10
CA PHE B 63 4.37 -4.77 2.71
C PHE B 63 3.42 -5.18 1.57
N TYR B 64 3.50 -4.45 0.46
CA TYR B 64 2.83 -4.90 -0.77
C TYR B 64 3.74 -4.84 -2.00
N ILE B 65 3.32 -5.57 -3.03
CA ILE B 65 3.97 -5.52 -4.30
C ILE B 65 2.88 -5.80 -5.31
N LEU B 66 2.93 -5.11 -6.46
CA LEU B 66 2.03 -5.45 -7.53
C LEU B 66 2.90 -5.94 -8.68
N ALA B 67 2.65 -7.13 -9.23
CA ALA B 67 3.32 -7.49 -10.48
C ALA B 67 2.26 -7.53 -11.53
N HIS B 68 2.61 -7.15 -12.75
CA HIS B 68 1.71 -7.26 -13.87
C HIS B 68 2.55 -7.43 -15.12
N THR B 69 1.90 -7.92 -16.18
CA THR B 69 2.48 -8.31 -17.45
C THR B 69 1.29 -8.34 -18.40
N GLU B 70 1.49 -7.90 -19.63
CA GLU B 70 0.43 -7.99 -20.62
C GLU B 70 0.19 -9.45 -21.00
N PHE B 71 -1.06 -9.88 -21.05
CA PHE B 71 -1.44 -11.23 -21.54
C PHE B 71 -2.69 -11.15 -22.40
N THR B 72 -3.00 -12.25 -23.07
CA THR B 72 -4.23 -12.29 -23.82
C THR B 72 -4.85 -13.68 -23.67
N PRO B 73 -5.94 -13.77 -22.90
CA PRO B 73 -6.63 -14.99 -22.47
C PRO B 73 -7.17 -15.86 -23.60
N THR B 74 -7.34 -17.15 -23.31
CA THR B 74 -7.88 -18.11 -24.28
C THR B 74 -8.51 -19.30 -23.57
N GLU B 75 -9.08 -20.21 -24.34
CA GLU B 75 -9.75 -21.35 -23.75
C GLU B 75 -8.69 -22.26 -23.14
N THR B 76 -7.51 -22.29 -23.76
CA THR B 76 -6.54 -23.33 -23.44
C THR B 76 -5.22 -22.81 -22.88
N ASP B 77 -5.25 -21.84 -21.96
CA ASP B 77 -4.04 -21.31 -21.36
C ASP B 77 -4.36 -20.96 -19.94
N THR B 78 -3.59 -21.50 -19.00
CA THR B 78 -3.79 -21.14 -17.63
C THR B 78 -2.67 -20.22 -17.16
N TYR B 79 -3.03 -19.31 -16.27
CA TYR B 79 -2.08 -18.33 -15.76
C TYR B 79 -2.02 -18.42 -14.26
N ALA B 80 -0.79 -18.44 -13.71
CA ALA B 80 -0.65 -18.50 -12.26
C ALA B 80 0.22 -17.41 -11.70
N CYS B 81 0.31 -17.33 -10.38
CA CYS B 81 1.31 -16.49 -9.76
C CYS B 81 1.95 -17.24 -8.59
N ARG B 82 3.25 -17.46 -8.63
CA ARG B 82 3.88 -18.17 -7.51
C ARG B 82 4.73 -17.31 -6.60
N VAL B 83 4.50 -17.49 -5.30
CA VAL B 83 5.16 -16.65 -4.30
C VAL B 83 5.89 -17.40 -3.19
N LYS B 84 7.10 -16.96 -2.87
CA LYS B 84 7.92 -17.60 -1.86
C LYS B 84 8.28 -16.56 -0.81
N HIS B 85 7.90 -16.85 0.43
CA HIS B 85 8.09 -15.93 1.54
C HIS B 85 8.41 -16.78 2.76
N ASP B 86 9.12 -16.20 3.72
CA ASP B 86 9.61 -16.95 4.86
C ASP B 86 8.47 -17.45 5.73
N SER B 87 7.35 -16.74 5.71
CA SER B 87 6.23 -17.08 6.57
C SER B 87 5.56 -18.35 6.13
N MET B 88 5.92 -18.81 4.94
CA MET B 88 5.35 -19.99 4.35
C MET B 88 6.41 -21.04 4.21
N ALA B 89 6.05 -22.25 4.65
CA ALA B 89 6.93 -23.40 4.63
C ALA B 89 7.16 -23.87 3.19
N GLU B 90 6.27 -23.44 2.29
CA GLU B 90 6.27 -23.89 0.91
C GLU B 90 5.91 -22.71 0.00
N PRO B 91 6.35 -22.75 -1.26
CA PRO B 91 5.87 -21.70 -2.16
C PRO B 91 4.37 -21.86 -2.39
N LYS B 92 3.68 -20.77 -2.67
CA LYS B 92 2.23 -20.79 -2.76
C LYS B 92 1.84 -20.28 -4.13
N THR B 93 0.96 -21.03 -4.79
CA THR B 93 0.54 -20.68 -6.11
C THR B 93 -0.90 -20.26 -6.13
N VAL B 94 -1.21 -19.34 -7.03
CA VAL B 94 -2.57 -18.97 -7.17
C VAL B 94 -2.85 -18.82 -8.62
N TYR B 95 -3.93 -19.48 -9.04
CA TYR B 95 -4.27 -19.54 -10.43
C TYR B 95 -5.22 -18.44 -10.73
N TRP B 96 -5.04 -17.83 -11.88
CA TRP B 96 -6.03 -16.92 -12.31
C TRP B 96 -7.31 -17.66 -12.68
N ASP B 97 -8.41 -17.23 -12.05
CA ASP B 97 -9.75 -17.74 -12.26
C ASP B 97 -10.61 -16.55 -12.74
N ARG B 98 -11.10 -16.61 -13.97
CA ARG B 98 -11.89 -15.50 -14.58
C ARG B 98 -13.00 -14.86 -13.73
N ASP B 99 -13.44 -15.55 -12.69
CA ASP B 99 -14.56 -15.05 -11.91
C ASP B 99 -14.11 -14.40 -10.61
N MET B 100 -12.83 -14.03 -10.50
CA MET B 100 -12.29 -13.46 -9.24
C MET B 100 -11.36 -12.23 -9.33
N VAL C 1 7.91 17.62 0.70
CA VAL C 1 9.33 17.50 1.13
C VAL C 1 9.43 16.73 2.46
N ASN C 2 10.47 15.89 2.56
CA ASN C 2 10.79 15.07 3.77
C ASN C 2 11.85 15.75 4.64
N ASP C 3 11.92 15.39 5.90
CA ASP C 3 12.93 16.01 6.76
C ASP C 3 13.89 14.98 7.34
N ILE C 4 14.79 15.44 8.22
CA ILE C 4 15.73 14.56 8.96
C ILE C 4 14.91 13.84 10.00
N PHE C 5 15.29 12.59 10.34
CA PHE C 5 14.60 11.80 11.37
C PHE C 5 15.49 11.69 12.56
N GLU C 6 14.92 11.82 13.76
CA GLU C 6 15.72 11.64 14.96
C GLU C 6 16.24 10.22 15.04
N ARG C 7 17.43 10.03 15.60
CA ARG C 7 17.87 8.69 15.83
C ARG C 7 17.15 8.10 17.00
N ILE C 8 16.87 6.81 16.95
CA ILE C 8 16.09 6.18 18.03
C ILE C 8 17.01 5.85 19.22
#